data_6FHQ
#
_entry.id   6FHQ
#
_cell.length_a   38.339
_cell.length_b   45.369
_cell.length_c   65.039
_cell.angle_alpha   90.00
_cell.angle_beta   90.00
_cell.angle_gamma   90.00
#
_symmetry.space_group_name_H-M   'P 21 21 21'
#
loop_
_entity.id
_entity.type
_entity.pdbx_description
1 polymer 'Bromodomain adjacent to zinc finger domain protein 2B'
2 non-polymer 'ZINC ION'
3 non-polymer 2-azanyl-~{N}-(1,3-thiazol-2-yl)ethanamide
4 water water
#
_entity_poly.entity_id   1
_entity_poly.type   'polypeptide(L)'
_entity_poly.pdbx_seq_one_letter_code
;HMSIMKVYCQICRKGDNEELLLLCDGCDKGCHTYCHRPKITTIPDGDWFCPACIAKAS
;
_entity_poly.pdbx_strand_id   A,B
#
loop_
_chem_comp.id
_chem_comp.type
_chem_comp.name
_chem_comp.formula
DE5 non-polymer 2-azanyl-~{N}-(1,3-thiazol-2-yl)ethanamide 'C5 H7 N3 O S'
ZN non-polymer 'ZINC ION' 'Zn 2'
#
# COMPACT_ATOMS: atom_id res chain seq x y z
N HIS A 1 14.18 29.32 -16.71
CA HIS A 1 14.40 27.86 -16.65
C HIS A 1 13.06 27.17 -16.36
N MET A 2 12.94 25.94 -16.84
CA MET A 2 11.65 25.24 -16.89
C MET A 2 11.82 23.94 -16.20
N SER A 3 10.73 23.35 -15.80
CA SER A 3 10.77 21.99 -15.29
C SER A 3 9.59 21.26 -15.94
N ILE A 4 9.83 20.10 -16.56
CA ILE A 4 8.73 19.21 -16.93
C ILE A 4 8.69 18.06 -15.99
N MET A 5 7.49 17.70 -15.54
CA MET A 5 7.33 16.51 -14.69
C MET A 5 6.39 15.54 -15.41
N LYS A 6 6.82 14.29 -15.56
CA LYS A 6 5.89 13.22 -15.93
C LYS A 6 6.05 12.14 -14.90
N VAL A 7 4.92 11.72 -14.33
CA VAL A 7 4.83 10.66 -13.33
C VAL A 7 4.88 9.29 -13.95
N TYR A 8 5.84 8.50 -13.47
CA TYR A 8 5.94 7.12 -13.83
C TYR A 8 5.66 6.23 -12.57
N CYS A 9 5.06 5.05 -12.77
CA CYS A 9 4.80 4.15 -11.68
C CYS A 9 6.08 3.69 -11.06
N GLN A 10 6.15 3.77 -9.75
CA GLN A 10 7.38 3.38 -8.99
C GLN A 10 7.78 1.93 -9.29
N ILE A 11 6.80 1.11 -9.65
CA ILE A 11 7.05 -0.28 -9.79
C ILE A 11 7.39 -0.70 -11.23
N CYS A 12 6.50 -0.46 -12.16
CA CYS A 12 6.77 -0.86 -13.53
C CYS A 12 7.51 0.22 -14.32
N ARG A 13 7.67 1.42 -13.75
CA ARG A 13 8.29 2.56 -14.46
C ARG A 13 7.62 3.00 -15.72
N LYS A 14 6.33 2.73 -15.91
CA LYS A 14 5.62 3.26 -17.06
C LYS A 14 4.62 4.30 -16.60
N GLY A 15 4.24 5.19 -17.51
CA GLY A 15 3.34 6.32 -17.16
C GLY A 15 2.02 6.23 -17.83
N ASP A 16 1.71 5.09 -18.42
CA ASP A 16 0.40 4.85 -19.05
C ASP A 16 -0.70 4.47 -18.02
N ASN A 17 -1.90 4.15 -18.52
CA ASN A 17 -3.06 3.82 -17.70
C ASN A 17 -3.18 4.80 -16.58
N GLU A 18 -3.27 6.06 -16.96
CA GLU A 18 -3.25 7.14 -16.02
C GLU A 18 -4.42 7.18 -15.04
N GLU A 19 -5.55 6.63 -15.45
CA GLU A 19 -6.73 6.39 -14.62
C GLU A 19 -6.49 5.41 -13.45
N LEU A 20 -5.39 4.68 -13.51
CA LEU A 20 -5.12 3.67 -12.54
C LEU A 20 -3.81 3.98 -11.84
N LEU A 21 -3.22 5.10 -12.23
CA LEU A 21 -1.93 5.44 -11.74
C LEU A 21 -2.15 6.39 -10.52
N LEU A 22 -2.02 5.84 -9.32
CA LEU A 22 -2.46 6.56 -8.15
C LEU A 22 -1.34 7.47 -7.78
N LEU A 23 -1.66 8.70 -7.47
CA LEU A 23 -0.65 9.72 -7.15
C LEU A 23 -0.73 10.07 -5.74
N CYS A 24 0.34 9.87 -5.01
CA CYS A 24 0.30 10.11 -3.58
C CYS A 24 0.26 11.63 -3.29
N ASP A 25 -0.77 12.05 -2.57
CA ASP A 25 -0.89 13.46 -2.18
C ASP A 25 0.15 13.80 -1.12
N GLY A 26 0.78 12.77 -0.54
CA GLY A 26 1.87 12.97 0.40
C GLY A 26 3.17 13.33 -0.25
N CYS A 27 3.69 12.45 -1.08
CA CYS A 27 5.07 12.53 -1.56
C CYS A 27 5.10 12.71 -3.07
N ASP A 28 3.93 12.83 -3.70
CA ASP A 28 3.78 12.90 -5.16
C ASP A 28 4.33 11.76 -6.06
N LYS A 29 4.70 10.62 -5.50
CA LYS A 29 5.11 9.47 -6.32
C LYS A 29 3.86 8.75 -6.86
N GLY A 30 4.02 7.95 -7.92
CA GLY A 30 2.93 7.20 -8.52
C GLY A 30 3.07 5.70 -8.47
N CYS A 31 1.95 5.00 -8.46
CA CYS A 31 1.97 3.56 -8.56
C CYS A 31 0.64 3.09 -9.05
N HIS A 32 0.64 2.22 -10.06
CA HIS A 32 -0.61 1.72 -10.60
C HIS A 32 -1.31 0.83 -9.52
N THR A 33 -2.65 0.83 -9.55
CA THR A 33 -3.43 -0.07 -8.72
C THR A 33 -2.93 -1.53 -8.79
N TYR A 34 -2.77 -1.99 -10.02
CA TYR A 34 -2.42 -3.35 -10.33
C TYR A 34 -0.95 -3.64 -10.18
N CYS A 35 -0.11 -2.64 -9.94
CA CYS A 35 1.32 -2.90 -9.55
C CYS A 35 1.62 -3.01 -8.06
N HIS A 36 0.76 -2.43 -7.20
CA HIS A 36 0.79 -2.75 -5.81
C HIS A 36 0.59 -4.25 -5.54
N ARG A 37 1.16 -4.67 -4.43
CA ARG A 37 0.91 -5.99 -3.83
C ARG A 37 0.66 -5.73 -2.36
N PRO A 38 -0.51 -6.05 -1.87
CA PRO A 38 -1.59 -6.67 -2.67
C PRO A 38 -2.13 -5.66 -3.61
N LYS A 39 -2.71 -6.09 -4.72
CA LYS A 39 -3.26 -5.20 -5.70
C LYS A 39 -4.35 -4.40 -5.11
N ILE A 40 -4.48 -3.16 -5.55
CA ILE A 40 -5.57 -2.28 -5.12
C ILE A 40 -6.71 -2.55 -6.06
N THR A 41 -7.86 -2.91 -5.51
CA THR A 41 -8.98 -3.19 -6.40
C THR A 41 -10.09 -2.17 -6.25
N THR A 42 -9.87 -1.13 -5.43
CA THR A 42 -10.81 0.03 -5.38
C THR A 42 -10.10 1.28 -5.86
N ILE A 43 -10.60 1.96 -6.89
CA ILE A 43 -10.03 3.28 -7.25
C ILE A 43 -10.41 4.36 -6.20
N PRO A 44 -9.41 5.03 -5.60
CA PRO A 44 -9.73 5.89 -4.48
C PRO A 44 -10.64 6.98 -4.97
N ASP A 45 -11.71 7.26 -4.23
CA ASP A 45 -12.63 8.27 -4.64
C ASP A 45 -12.15 9.71 -4.37
N GLY A 46 -11.23 9.87 -3.42
CA GLY A 46 -10.72 11.18 -3.04
C GLY A 46 -9.20 11.22 -3.17
N ASP A 47 -8.55 11.49 -2.08
CA ASP A 47 -7.09 11.52 -2.12
C ASP A 47 -6.48 10.20 -1.71
N TRP A 48 -5.24 10.03 -2.14
CA TRP A 48 -4.46 8.80 -1.98
C TRP A 48 -3.17 9.14 -1.24
N PHE A 49 -2.87 8.38 -0.19
CA PHE A 49 -1.57 8.38 0.43
C PHE A 49 -0.96 6.99 0.30
N CYS A 50 0.30 6.94 -0.08
CA CYS A 50 0.93 5.67 -0.42
C CYS A 50 1.36 4.95 0.84
N PRO A 51 1.64 3.66 0.74
CA PRO A 51 1.96 2.92 1.89
C PRO A 51 3.13 3.50 2.66
N ALA A 52 4.11 3.98 1.93
CA ALA A 52 5.32 4.49 2.54
C ALA A 52 4.98 5.70 3.45
N CYS A 53 4.13 6.62 2.96
CA CYS A 53 3.71 7.79 3.71
C CYS A 53 2.85 7.46 4.94
N ILE A 54 1.93 6.52 4.81
CA ILE A 54 1.12 6.03 5.95
C ILE A 54 1.93 5.42 7.08
N ALA A 55 2.87 4.56 6.71
CA ALA A 55 3.83 4.01 7.68
C ALA A 55 4.73 5.06 8.39
N LYS A 56 5.23 6.05 7.67
CA LYS A 56 5.93 7.17 8.29
C LYS A 56 5.01 8.00 9.20
N ALA A 57 3.81 8.33 8.75
CA ALA A 57 2.88 9.13 9.60
C ALA A 57 2.49 8.45 10.92
N SER A 58 2.28 7.14 10.89
CA SER A 58 1.69 6.45 12.05
C SER A 58 2.46 6.64 13.36
C HIS B 1 -20.76 -15.21 13.42
N MET B 2 -20.27 -15.62 14.58
CA MET B 2 -18.95 -15.17 15.04
C MET B 2 -17.96 -16.25 14.70
N SER B 3 -16.84 -15.86 14.10
CA SER B 3 -15.71 -16.79 13.84
C SER B 3 -14.42 -16.15 14.37
N ILE B 4 -13.43 -16.97 14.69
CA ILE B 4 -12.11 -16.43 15.04
C ILE B 4 -11.09 -17.10 14.17
N MET B 5 -9.98 -16.43 13.92
CA MET B 5 -8.94 -17.05 13.11
C MET B 5 -7.58 -16.37 13.41
N LYS B 6 -6.56 -17.18 13.29
CA LYS B 6 -5.19 -16.73 13.18
C LYS B 6 -4.99 -16.00 11.83
N VAL B 7 -4.34 -14.86 11.88
CA VAL B 7 -4.10 -14.02 10.71
C VAL B 7 -2.73 -14.43 10.12
N TYR B 8 -2.68 -14.66 8.81
CA TYR B 8 -1.40 -14.93 8.10
C TYR B 8 -1.25 -13.81 7.08
N CYS B 9 -0.02 -13.62 6.57
CA CYS B 9 0.23 -12.74 5.46
C CYS B 9 -0.60 -13.10 4.26
N GLN B 10 -1.32 -12.11 3.74
CA GLN B 10 -2.20 -12.28 2.60
C GLN B 10 -1.45 -12.71 1.41
N ILE B 11 -0.15 -12.37 1.34
CA ILE B 11 0.62 -12.69 0.13
C ILE B 11 1.33 -14.02 0.15
N CYS B 12 2.16 -14.24 1.17
CA CYS B 12 2.88 -15.52 1.26
C CYS B 12 2.17 -16.63 2.03
N ARG B 13 1.10 -16.30 2.73
CA ARG B 13 0.29 -17.22 3.52
CA ARG B 13 0.30 -17.26 3.52
C ARG B 13 1.12 -17.96 4.56
N LYS B 14 2.28 -17.40 4.93
CA LYS B 14 3.09 -18.06 5.93
C LYS B 14 3.03 -17.34 7.23
N GLY B 15 3.21 -18.07 8.31
CA GLY B 15 3.12 -17.46 9.60
C GLY B 15 4.44 -17.04 10.17
N ASP B 16 5.53 -17.08 9.39
CA ASP B 16 6.84 -16.71 9.94
C ASP B 16 6.98 -15.19 10.07
N ASN B 17 8.05 -14.73 10.71
CA ASN B 17 8.37 -13.29 10.82
C ASN B 17 7.19 -12.42 11.25
N GLU B 18 6.57 -12.84 12.35
CA GLU B 18 5.41 -12.13 12.82
C GLU B 18 5.74 -10.72 13.24
N GLU B 19 6.95 -10.51 13.72
CA GLU B 19 7.41 -9.16 14.04
C GLU B 19 7.41 -8.19 12.84
N LEU B 20 7.42 -8.75 11.62
CA LEU B 20 7.34 -7.95 10.36
C LEU B 20 5.98 -8.01 9.64
N LEU B 21 4.99 -8.58 10.31
CA LEU B 21 3.72 -8.78 9.75
C LEU B 21 2.89 -7.60 10.16
N LEU B 22 2.55 -6.77 9.21
CA LEU B 22 1.72 -5.59 9.51
C LEU B 22 0.24 -5.95 9.54
N LEU B 23 -0.44 -5.55 10.60
CA LEU B 23 -1.86 -5.95 10.88
C LEU B 23 -2.73 -4.70 10.80
N CYS B 24 -3.67 -4.73 9.87
CA CYS B 24 -4.45 -3.57 9.56
C CYS B 24 -5.50 -3.34 10.67
N ASP B 25 -5.52 -2.14 11.20
CA ASP B 25 -6.46 -1.78 12.22
C ASP B 25 -7.88 -1.64 11.64
N GLY B 26 -7.97 -1.53 10.31
CA GLY B 26 -9.23 -1.52 9.56
C GLY B 26 -9.91 -2.88 9.41
N CYS B 27 -9.29 -3.74 8.61
CA CYS B 27 -9.91 -4.98 8.11
C CYS B 27 -9.33 -6.20 8.77
N ASP B 28 -8.41 -6.02 9.72
CA ASP B 28 -7.66 -7.12 10.37
C ASP B 28 -6.82 -8.10 9.53
N LYS B 29 -6.68 -7.83 8.25
CA LYS B 29 -5.74 -8.58 7.42
C LYS B 29 -4.32 -8.14 7.61
N GLY B 30 -3.42 -9.02 7.21
CA GLY B 30 -2.02 -8.90 7.58
C GLY B 30 -1.18 -8.99 6.32
N CYS B 31 -0.02 -8.36 6.33
CA CYS B 31 0.92 -8.55 5.24
C CYS B 31 2.31 -8.16 5.72
N HIS B 32 3.29 -9.00 5.45
CA HIS B 32 4.65 -8.71 5.85
C HIS B 32 5.13 -7.38 5.16
N THR B 33 6.04 -6.67 5.79
CA THR B 33 6.67 -5.51 5.21
C THR B 33 7.30 -5.86 3.88
N TYR B 34 7.97 -7.03 3.82
CA TYR B 34 8.75 -7.44 2.67
C TYR B 34 7.93 -8.09 1.60
N CYS B 35 6.67 -8.40 1.88
CA CYS B 35 5.78 -8.97 0.85
C CYS B 35 4.95 -7.92 0.12
N HIS B 36 4.83 -6.72 0.69
CA HIS B 36 4.26 -5.56 -0.01
C HIS B 36 5.06 -5.17 -1.19
N ARG B 37 4.38 -4.59 -2.17
CA ARG B 37 5.04 -3.89 -3.28
C ARG B 37 4.35 -2.55 -3.47
N PRO B 38 5.13 -1.47 -3.50
CA PRO B 38 6.53 -1.44 -3.01
C PRO B 38 6.72 -1.94 -1.55
N LYS B 39 7.90 -2.49 -1.26
CA LYS B 39 8.19 -3.02 0.05
C LYS B 39 8.14 -1.89 1.06
N ILE B 40 7.63 -2.20 2.23
CA ILE B 40 7.54 -1.20 3.27
C ILE B 40 8.85 -1.24 4.11
N THR B 41 9.49 -0.09 4.24
CA THR B 41 10.77 -0.09 4.89
C THR B 41 10.77 0.71 6.17
N THR B 42 9.62 1.28 6.54
CA THR B 42 9.45 1.86 7.84
C THR B 42 8.38 1.13 8.56
N ILE B 43 8.69 0.82 9.80
CA ILE B 43 7.77 0.12 10.65
C ILE B 43 6.81 1.13 11.30
N PRO B 44 5.49 0.97 11.10
CA PRO B 44 4.60 2.02 11.68
C PRO B 44 4.76 2.03 13.18
N ASP B 45 4.91 3.21 13.77
CA ASP B 45 5.19 3.34 15.22
C ASP B 45 3.85 3.07 15.95
N GLY B 46 2.74 3.39 15.30
CA GLY B 46 1.42 3.35 15.93
C GLY B 46 0.45 2.40 15.24
N ASP B 47 -0.68 2.94 14.81
CA ASP B 47 -1.76 2.17 14.15
C ASP B 47 -1.57 2.15 12.64
N TRP B 48 -1.75 0.98 12.04
CA TRP B 48 -1.60 0.78 10.60
C TRP B 48 -3.02 0.65 9.92
N PHE B 49 -3.18 1.27 8.73
CA PHE B 49 -4.33 1.02 7.82
C PHE B 49 -3.78 0.69 6.48
N CYS B 50 -4.13 -0.48 5.96
CA CYS B 50 -3.52 -1.04 4.80
C CYS B 50 -3.94 -0.27 3.59
N PRO B 51 -3.25 -0.47 2.46
CA PRO B 51 -3.58 0.27 1.26
C PRO B 51 -5.00 0.02 0.75
N ALA B 52 -5.53 -1.20 0.89
CA ALA B 52 -6.92 -1.50 0.48
C ALA B 52 -7.91 -0.66 1.28
N CYS B 53 -7.74 -0.61 2.61
CA CYS B 53 -8.62 0.22 3.45
C CYS B 53 -8.44 1.73 3.23
N ILE B 54 -7.21 2.20 2.91
CA ILE B 54 -7.00 3.62 2.54
C ILE B 54 -7.78 3.94 1.27
N ALA B 55 -7.70 3.04 0.30
CA ALA B 55 -8.41 3.17 -0.98
C ALA B 55 -9.93 3.16 -0.80
N LYS B 56 -10.45 2.20 -0.03
CA LYS B 56 -11.91 2.13 0.24
C LYS B 56 -12.43 3.37 0.96
N ALA B 57 -11.68 3.81 1.97
CA ALA B 57 -12.05 4.99 2.78
C ALA B 57 -11.97 6.36 2.10
N SER B 58 -11.13 6.47 1.08
CA SER B 58 -10.83 7.72 0.38
C SER B 58 -12.10 8.51 -0.05
ZN ZN C . 2.90 0.23 -12.72
ZN ZN D . 3.64 8.89 -0.52
C4 DE5 E . -5.35 10.10 -6.98
C5 DE5 E . -5.42 10.99 -5.69
N1 DE5 E . -7.83 8.36 -8.95
N2 DE5 E . -6.58 9.70 -7.44
C3 DE5 E . -6.70 8.97 -8.57
N3 DE5 E . -4.15 11.72 -5.40
C2 DE5 E . -7.75 7.68 -10.13
C1 DE5 E . -6.52 7.72 -10.71
S1 DE5 E . -5.51 8.67 -9.75
O1 DE5 E . -4.26 9.87 -7.57
ZN ZN F . 4.32 -12.53 3.63
ZN ZN G . -7.14 -3.01 5.83
#